data_2NOR
#
_entry.id   2NOR
#
_entity_poly.entity_id   1
_entity_poly.type   'polypeptide(L)'
_entity_poly.pdbx_seq_one_letter_code
;(PCA)NPNRFIGLM
;
_entity_poly.pdbx_strand_id   A
#
# COMPACT_ATOMS: atom_id res chain seq x y z
N ASN A 2 -3.30 4.11 5.39
CA ASN A 2 -4.17 3.64 4.32
C ASN A 2 -3.65 2.29 3.82
N PRO A 3 -4.62 1.42 3.42
CA PRO A 3 -4.27 0.10 2.92
C PRO A 3 -3.71 0.19 1.50
N ASN A 4 -3.99 1.31 0.85
CA ASN A 4 -3.52 1.52 -0.51
C ASN A 4 -2.02 1.84 -0.48
N ARG A 5 -1.55 2.19 0.70
CA ARG A 5 -0.15 2.53 0.88
C ARG A 5 0.69 1.25 1.01
N PHE A 6 0.02 0.17 1.40
CA PHE A 6 0.68 -1.10 1.56
C PHE A 6 0.98 -1.75 0.21
N ILE A 7 0.19 -1.35 -0.78
CA ILE A 7 0.36 -1.88 -2.12
C ILE A 7 1.59 -1.23 -2.77
N GLY A 8 1.92 -0.05 -2.28
CA GLY A 8 3.06 0.69 -2.80
C GLY A 8 4.37 0.08 -2.29
N LEU A 9 4.29 -0.53 -1.12
CA LEU A 9 5.45 -1.16 -0.52
C LEU A 9 5.73 -2.49 -1.22
N MET A 10 4.73 -2.96 -1.95
CA MET A 10 4.87 -4.22 -2.67
C MET A 10 5.77 -4.06 -3.88
N ASN A 2 -3.78 4.18 5.50
CA ASN A 2 -4.36 3.77 4.23
C ASN A 2 -3.74 2.45 3.80
N PRO A 3 -4.63 1.50 3.40
CA PRO A 3 -4.18 0.19 2.95
C PRO A 3 -3.57 0.27 1.55
N ASN A 4 -4.01 1.28 0.81
CA ASN A 4 -3.52 1.47 -0.55
C ASN A 4 -2.02 1.80 -0.51
N ARG A 5 -1.56 2.16 0.69
CA ARG A 5 -0.17 2.51 0.88
C ARG A 5 0.68 1.24 1.01
N PHE A 6 0.01 0.16 1.39
CA PHE A 6 0.69 -1.12 1.55
C PHE A 6 1.00 -1.75 0.19
N ILE A 7 0.23 -1.35 -0.80
CA ILE A 7 0.42 -1.87 -2.15
C ILE A 7 1.67 -1.22 -2.78
N GLY A 8 1.97 -0.03 -2.28
CA GLY A 8 3.13 0.70 -2.78
C GLY A 8 4.43 0.11 -2.25
N LEU A 9 4.33 -0.51 -1.07
CA LEU A 9 5.48 -1.13 -0.44
C LEU A 9 5.77 -2.47 -1.13
N MET A 10 4.78 -2.95 -1.86
CA MET A 10 4.92 -4.21 -2.57
C MET A 10 5.72 -4.03 -3.86
N ASN A 2 -4.15 6.01 4.14
CA ASN A 2 -4.76 5.17 3.13
C ASN A 2 -4.15 3.76 3.20
N PRO A 3 -5.06 2.75 3.19
CA PRO A 3 -4.62 1.36 3.25
C PRO A 3 -4.04 0.91 1.91
N ASN A 4 -4.13 1.80 0.94
CA ASN A 4 -3.62 1.51 -0.39
C ASN A 4 -2.13 1.84 -0.45
N ARG A 5 -1.58 2.15 0.72
CA ARG A 5 -0.17 2.47 0.81
C ARG A 5 0.67 1.20 0.94
N PHE A 6 0.02 0.14 1.40
CA PHE A 6 0.68 -1.14 1.57
C PHE A 6 0.99 -1.78 0.21
N ILE A 7 0.21 -1.39 -0.78
CA ILE A 7 0.40 -1.92 -2.13
C ILE A 7 1.62 -1.27 -2.76
N GLY A 8 1.94 -0.08 -2.27
CA GLY A 8 3.09 0.66 -2.79
C GLY A 8 4.40 0.05 -2.27
N LEU A 9 4.31 -0.56 -1.10
CA LEU A 9 5.47 -1.17 -0.49
C LEU A 9 5.80 -2.48 -1.21
N MET A 10 4.80 -2.98 -1.93
CA MET A 10 4.96 -4.22 -2.68
C MET A 10 5.65 -3.96 -4.01
N ASN A 2 -4.23 5.72 3.82
CA ASN A 2 -5.14 4.64 3.47
C ASN A 2 -4.36 3.32 3.44
N PRO A 3 -5.13 2.20 3.38
CA PRO A 3 -4.53 0.88 3.35
C PRO A 3 -3.94 0.59 1.97
N ASN A 4 -4.10 1.56 1.07
CA ASN A 4 -3.60 1.40 -0.28
C ASN A 4 -2.12 1.82 -0.32
N ARG A 5 -1.57 2.05 0.86
CA ARG A 5 -0.18 2.44 0.97
C ARG A 5 0.73 1.20 0.99
N PHE A 6 0.13 0.07 1.33
CA PHE A 6 0.86 -1.18 1.39
C PHE A 6 1.13 -1.72 -0.02
N ILE A 7 0.22 -1.39 -0.92
CA ILE A 7 0.35 -1.83 -2.31
C ILE A 7 1.61 -1.21 -2.92
N GLY A 8 1.92 0.00 -2.47
CA GLY A 8 3.09 0.71 -2.97
C GLY A 8 4.37 0.13 -2.36
N LEU A 9 4.22 -0.49 -1.20
CA LEU A 9 5.35 -1.09 -0.52
C LEU A 9 5.63 -2.47 -1.12
N MET A 10 4.66 -2.97 -1.86
CA MET A 10 4.79 -4.27 -2.50
C MET A 10 5.76 -4.21 -3.69
N ASN A 2 -4.44 6.92 1.13
CA ASN A 2 -5.33 5.78 1.00
C ASN A 2 -4.71 4.56 1.67
N PRO A 3 -5.57 3.53 1.91
CA PRO A 3 -5.11 2.32 2.56
C PRO A 3 -4.30 1.45 1.58
N ASN A 4 -4.12 1.98 0.39
CA ASN A 4 -3.35 1.28 -0.64
C ASN A 4 -1.87 1.58 -0.46
N ARG A 5 -1.54 2.15 0.69
CA ARG A 5 -0.16 2.49 0.99
C ARG A 5 0.69 1.22 1.10
N PHE A 6 0.04 0.15 1.49
CA PHE A 6 0.73 -1.14 1.63
C PHE A 6 0.99 -1.76 0.26
N ILE A 7 0.18 -1.36 -0.71
CA ILE A 7 0.33 -1.87 -2.07
C ILE A 7 1.53 -1.21 -2.73
N GLY A 8 1.86 -0.03 -2.25
CA GLY A 8 2.99 0.71 -2.78
C GLY A 8 4.31 0.12 -2.30
N LEU A 9 4.26 -0.51 -1.13
CA LEU A 9 5.44 -1.12 -0.56
C LEU A 9 5.72 -2.44 -1.27
N MET A 10 4.70 -2.93 -1.96
CA MET A 10 4.83 -4.19 -2.69
C MET A 10 5.61 -3.98 -3.99
N ASN A 2 -4.72 4.73 4.50
CA ASN A 2 -5.46 3.63 3.92
C ASN A 2 -4.50 2.49 3.58
N PRO A 3 -5.08 1.30 3.29
CA PRO A 3 -4.28 0.13 2.94
C PRO A 3 -3.72 0.25 1.53
N ASN A 4 -4.05 1.36 0.88
CA ASN A 4 -3.58 1.61 -0.47
C ASN A 4 -2.08 1.91 -0.45
N ARG A 5 -1.60 2.24 0.74
CA ARG A 5 -0.19 2.55 0.92
C ARG A 5 0.62 1.25 1.05
N PHE A 6 -0.07 0.19 1.42
CA PHE A 6 0.58 -1.10 1.59
C PHE A 6 0.88 -1.73 0.23
N ILE A 7 0.11 -1.32 -0.77
CA ILE A 7 0.29 -1.82 -2.12
C ILE A 7 1.54 -1.21 -2.74
N GLY A 8 1.88 -0.03 -2.25
CA GLY A 8 3.06 0.67 -2.74
C GLY A 8 4.34 0.06 -2.21
N LEU A 9 4.22 -0.54 -1.03
CA LEU A 9 5.37 -1.18 -0.40
C LEU A 9 5.82 -2.36 -1.26
N MET A 10 4.87 -2.94 -1.97
CA MET A 10 5.17 -4.06 -2.83
C MET A 10 5.99 -3.64 -4.05
N ASN A 2 -3.54 6.20 3.84
CA ASN A 2 -4.42 5.36 3.05
C ASN A 2 -3.90 3.91 3.06
N PRO A 3 -4.86 2.96 2.99
CA PRO A 3 -4.51 1.55 2.99
C PRO A 3 -3.94 1.12 1.63
N ASN A 4 -3.90 2.08 0.72
CA ASN A 4 -3.38 1.82 -0.61
C ASN A 4 -1.86 1.97 -0.60
N ARG A 5 -1.32 2.13 0.59
CA ARG A 5 0.12 2.29 0.75
C ARG A 5 0.78 0.91 0.86
N PHE A 6 0.07 -0.02 1.47
CA PHE A 6 0.59 -1.36 1.64
C PHE A 6 0.96 -1.98 0.30
N ILE A 7 0.15 -1.67 -0.71
CA ILE A 7 0.38 -2.18 -2.04
C ILE A 7 1.54 -1.42 -2.68
N GLY A 8 1.75 -0.20 -2.20
CA GLY A 8 2.82 0.64 -2.71
C GLY A 8 4.19 0.16 -2.21
N LEU A 9 4.16 -0.48 -1.04
CA LEU A 9 5.39 -0.99 -0.45
C LEU A 9 5.79 -2.29 -1.14
N MET A 10 4.82 -2.86 -1.85
CA MET A 10 5.07 -4.10 -2.57
C MET A 10 5.60 -3.83 -3.98
N ASN A 2 -8.13 0.75 1.93
CA ASN A 2 -7.56 1.66 2.91
C ASN A 2 -6.04 1.56 2.86
N PRO A 3 -5.54 0.31 2.96
CA PRO A 3 -4.11 0.07 2.94
C PRO A 3 -3.54 0.21 1.53
N ASN A 4 -4.00 1.26 0.85
CA ASN A 4 -3.55 1.52 -0.51
C ASN A 4 -2.07 1.86 -0.50
N ARG A 5 -1.57 2.17 0.69
CA ARG A 5 -0.17 2.51 0.85
C ARG A 5 0.67 1.23 0.99
N PHE A 6 0.01 0.16 1.39
CA PHE A 6 0.68 -1.12 1.56
C PHE A 6 0.99 -1.75 0.20
N ILE A 7 0.23 -1.35 -0.80
CA ILE A 7 0.42 -1.87 -2.15
C ILE A 7 1.66 -1.22 -2.77
N GLY A 8 1.97 -0.03 -2.28
CA GLY A 8 3.13 0.70 -2.78
C GLY A 8 4.43 0.09 -2.24
N LEU A 9 4.32 -0.52 -1.07
CA LEU A 9 5.47 -1.14 -0.44
C LEU A 9 5.78 -2.47 -1.14
N MET A 10 4.79 -2.95 -1.88
CA MET A 10 4.94 -4.20 -2.60
C MET A 10 5.81 -4.03 -3.84
N ASN A 2 -8.25 2.73 1.43
CA ASN A 2 -7.47 3.66 2.23
C ASN A 2 -6.06 3.13 2.41
N PRO A 3 -5.98 1.85 2.87
CA PRO A 3 -4.70 1.20 3.10
C PRO A 3 -4.05 0.79 1.77
N ASN A 4 -4.12 1.70 0.80
CA ASN A 4 -3.56 1.45 -0.51
C ASN A 4 -2.07 1.80 -0.50
N ARG A 5 -1.58 2.10 0.70
CA ARG A 5 -0.18 2.46 0.86
C ARG A 5 0.68 1.19 0.99
N PHE A 6 0.03 0.12 1.39
CA PHE A 6 0.72 -1.15 1.55
C PHE A 6 1.04 -1.79 0.20
N ILE A 7 0.26 -1.40 -0.80
CA ILE A 7 0.44 -1.92 -2.14
C ILE A 7 1.67 -1.26 -2.77
N GLY A 8 1.98 -0.06 -2.29
CA GLY A 8 3.12 0.68 -2.79
C GLY A 8 4.44 0.09 -2.26
N LEU A 9 4.33 -0.52 -1.09
CA LEU A 9 5.50 -1.12 -0.46
C LEU A 9 5.81 -2.46 -1.14
N MET A 10 4.82 -2.96 -1.86
CA MET A 10 4.96 -4.22 -2.56
C MET A 10 5.62 -4.01 -3.93
N ASN A 2 -8.03 2.15 4.05
CA ASN A 2 -7.61 1.51 2.81
C ASN A 2 -6.08 1.42 2.80
N PRO A 3 -5.57 0.17 2.86
CA PRO A 3 -4.14 -0.06 2.85
C PRO A 3 -3.56 0.13 1.45
N ASN A 4 -4.02 1.19 0.80
CA ASN A 4 -3.56 1.50 -0.54
C ASN A 4 -2.07 1.85 -0.51
N ARG A 5 -1.59 2.14 0.69
CA ARG A 5 -0.20 2.49 0.89
C ARG A 5 0.65 1.23 1.01
N PHE A 6 -0.01 0.13 1.39
CA PHE A 6 0.68 -1.14 1.55
C PHE A 6 1.02 -1.75 0.18
N ILE A 7 0.25 -1.35 -0.82
CA ILE A 7 0.46 -1.85 -2.16
C ILE A 7 1.70 -1.18 -2.77
N GLY A 8 2.00 0.00 -2.26
CA GLY A 8 3.15 0.75 -2.74
C GLY A 8 4.45 0.15 -2.20
N LEU A 9 4.34 -0.47 -1.04
CA LEU A 9 5.49 -1.08 -0.41
C LEU A 9 5.80 -2.42 -1.10
N MET A 10 4.82 -2.90 -1.86
CA MET A 10 4.98 -4.15 -2.57
C MET A 10 5.83 -3.96 -3.83
N ASN A 2 -7.29 2.60 4.57
CA ASN A 2 -7.16 2.07 3.23
C ASN A 2 -5.73 1.57 3.02
N PRO A 3 -5.60 0.22 2.85
CA PRO A 3 -4.31 -0.39 2.65
C PRO A 3 -3.80 -0.14 1.22
N ASN A 4 -3.97 1.10 0.78
CA ASN A 4 -3.54 1.48 -0.56
C ASN A 4 -2.05 1.83 -0.52
N ARG A 5 -1.58 2.13 0.67
CA ARG A 5 -0.18 2.49 0.85
C ARG A 5 0.69 1.22 0.98
N PHE A 6 0.02 0.14 1.37
CA PHE A 6 0.70 -1.14 1.53
C PHE A 6 1.05 -1.75 0.17
N ILE A 7 0.28 -1.35 -0.84
CA ILE A 7 0.49 -1.85 -2.18
C ILE A 7 1.74 -1.20 -2.78
N GLY A 8 2.03 0.00 -2.28
CA GLY A 8 3.19 0.74 -2.75
C GLY A 8 4.49 0.15 -2.21
N LEU A 9 4.37 -0.48 -1.05
CA LEU A 9 5.52 -1.09 -0.41
C LEU A 9 5.81 -2.44 -1.07
N MET A 10 4.82 -2.92 -1.80
CA MET A 10 4.95 -4.20 -2.49
C MET A 10 5.52 -4.01 -3.90
N ASN A 2 -7.79 2.50 4.40
CA ASN A 2 -7.47 1.84 3.15
C ASN A 2 -5.95 1.65 3.06
N PRO A 3 -5.52 0.36 3.10
CA PRO A 3 -4.11 0.04 3.02
C PRO A 3 -3.59 0.20 1.59
N ASN A 4 -4.00 1.30 0.97
CA ASN A 4 -3.59 1.58 -0.40
C ASN A 4 -2.10 1.90 -0.42
N ARG A 5 -1.58 2.19 0.76
CA ARG A 5 -0.17 2.53 0.89
C ARG A 5 0.67 1.25 1.00
N PHE A 6 0.00 0.18 1.41
CA PHE A 6 0.66 -1.10 1.56
C PHE A 6 0.95 -1.74 0.20
N ILE A 7 0.17 -1.32 -0.78
CA ILE A 7 0.32 -1.85 -2.13
C ILE A 7 1.55 -1.21 -2.78
N GLY A 8 1.88 -0.02 -2.29
CA GLY A 8 3.04 0.69 -2.82
C GLY A 8 4.34 0.08 -2.31
N LEU A 9 4.25 -0.53 -1.14
CA LEU A 9 5.42 -1.17 -0.54
C LEU A 9 5.74 -2.46 -1.29
N MET A 10 4.75 -2.95 -2.02
CA MET A 10 4.91 -4.17 -2.79
C MET A 10 5.80 -3.94 -4.00
N ASN A 2 -7.77 2.87 4.18
CA ASN A 2 -7.47 2.15 2.96
C ASN A 2 -5.98 1.84 2.91
N PRO A 3 -5.66 0.52 2.98
CA PRO A 3 -4.28 0.08 2.94
C PRO A 3 -3.71 0.17 1.53
N ASN A 4 -4.02 1.28 0.87
CA ASN A 4 -3.55 1.50 -0.49
C ASN A 4 -2.05 1.84 -0.46
N ARG A 5 -1.58 2.17 0.73
CA ARG A 5 -0.18 2.52 0.90
C ARG A 5 0.66 1.25 1.02
N PHE A 6 0.00 0.16 1.41
CA PHE A 6 0.68 -1.12 1.56
C PHE A 6 0.98 -1.74 0.19
N ILE A 7 0.20 -1.35 -0.80
CA ILE A 7 0.38 -1.85 -2.15
C ILE A 7 1.60 -1.19 -2.78
N GLY A 8 1.92 -0.01 -2.28
CA GLY A 8 3.06 0.73 -2.79
C GLY A 8 4.37 0.14 -2.28
N LEU A 9 4.29 -0.49 -1.12
CA LEU A 9 5.46 -1.11 -0.51
C LEU A 9 5.75 -2.43 -1.21
N MET A 10 4.74 -2.92 -1.93
CA MET A 10 4.89 -4.17 -2.65
C MET A 10 5.47 -3.94 -4.05
N ASN A 2 -8.02 2.26 4.07
CA ASN A 2 -7.61 1.62 2.83
C ASN A 2 -6.09 1.47 2.82
N PRO A 3 -5.63 0.20 2.87
CA PRO A 3 -4.21 -0.09 2.85
C PRO A 3 -3.63 0.10 1.45
N ASN A 4 -4.04 1.19 0.82
CA ASN A 4 -3.57 1.50 -0.52
C ASN A 4 -2.08 1.84 -0.47
N ARG A 5 -1.62 2.16 0.73
CA ARG A 5 -0.22 2.51 0.93
C ARG A 5 0.62 1.24 1.05
N PHE A 6 -0.04 0.15 1.40
CA PHE A 6 0.63 -1.12 1.55
C PHE A 6 0.97 -1.73 0.19
N ILE A 7 0.21 -1.32 -0.81
CA ILE A 7 0.41 -1.81 -2.17
C ILE A 7 1.66 -1.15 -2.76
N GLY A 8 1.96 0.04 -2.25
CA GLY A 8 3.12 0.79 -2.73
C GLY A 8 4.41 0.18 -2.18
N LEU A 9 4.30 -0.46 -1.02
CA LEU A 9 5.45 -1.08 -0.40
C LEU A 9 5.81 -2.35 -1.16
N MET A 10 4.84 -2.85 -1.91
CA MET A 10 5.04 -4.07 -2.69
C MET A 10 5.86 -3.78 -3.96
N ASN A 2 -8.28 2.85 1.58
CA ASN A 2 -7.47 3.78 2.36
C ASN A 2 -6.06 3.23 2.52
N PRO A 3 -6.00 1.96 3.00
CA PRO A 3 -4.71 1.30 3.20
C PRO A 3 -4.10 0.87 1.86
N ASN A 4 -4.18 1.77 0.90
CA ASN A 4 -3.63 1.49 -0.42
C ASN A 4 -2.14 1.84 -0.44
N ARG A 5 -1.62 2.13 0.75
CA ARG A 5 -0.22 2.49 0.89
C ARG A 5 0.63 1.21 1.00
N PHE A 6 -0.03 0.14 1.42
CA PHE A 6 0.65 -1.13 1.57
C PHE A 6 0.97 -1.76 0.21
N ILE A 7 0.18 -1.37 -0.78
CA ILE A 7 0.37 -1.88 -2.13
C ILE A 7 1.61 -1.23 -2.75
N GLY A 8 1.92 -0.04 -2.26
CA GLY A 8 3.07 0.70 -2.75
C GLY A 8 4.38 0.10 -2.23
N LEU A 9 4.27 -0.52 -1.05
CA LEU A 9 5.43 -1.14 -0.43
C LEU A 9 5.82 -2.39 -1.21
N MET A 10 4.86 -2.91 -1.95
CA MET A 10 5.09 -4.11 -2.75
C MET A 10 5.59 -3.75 -4.15
N ASN A 2 -8.24 2.36 1.91
CA ASN A 2 -7.45 3.27 2.74
C ASN A 2 -6.00 2.77 2.82
N PRO A 3 -5.87 1.47 3.19
CA PRO A 3 -4.55 0.87 3.31
C PRO A 3 -3.96 0.57 1.93
N ASN A 4 -4.11 1.53 1.03
CA ASN A 4 -3.59 1.38 -0.31
C ASN A 4 -2.13 1.80 -0.34
N ARG A 5 -1.58 2.03 0.85
CA ARG A 5 -0.19 2.44 0.97
C ARG A 5 0.71 1.20 0.99
N PHE A 6 0.11 0.07 1.34
CA PHE A 6 0.85 -1.18 1.40
C PHE A 6 1.14 -1.72 -0.01
N ILE A 7 0.24 -1.39 -0.92
CA ILE A 7 0.37 -1.83 -2.30
C ILE A 7 1.63 -1.21 -2.91
N GLY A 8 1.94 0.00 -2.45
CA GLY A 8 3.11 0.71 -2.94
C GLY A 8 4.39 0.15 -2.34
N LEU A 9 4.23 -0.48 -1.17
CA LEU A 9 5.37 -1.07 -0.48
C LEU A 9 5.66 -2.45 -1.08
N MET A 10 4.69 -2.95 -1.82
CA MET A 10 4.84 -4.24 -2.46
C MET A 10 5.46 -4.12 -3.85
N ASN A 2 -7.49 3.09 4.24
CA ASN A 2 -7.23 2.45 2.97
C ASN A 2 -5.74 2.10 2.86
N PRO A 3 -5.46 0.78 2.86
CA PRO A 3 -4.08 0.31 2.77
C PRO A 3 -3.53 0.48 1.35
N ASN A 4 -3.82 1.63 0.76
CA ASN A 4 -3.36 1.93 -0.58
C ASN A 4 -1.84 2.06 -0.58
N ARG A 5 -1.29 2.20 0.61
CA ARG A 5 0.15 2.33 0.76
C ARG A 5 0.80 0.95 0.85
N PHE A 6 0.08 0.03 1.48
CA PHE A 6 0.56 -1.32 1.64
C PHE A 6 0.92 -1.95 0.29
N ILE A 7 0.11 -1.62 -0.71
CA ILE A 7 0.32 -2.14 -2.05
C ILE A 7 1.49 -1.39 -2.70
N GLY A 8 1.72 -0.18 -2.21
CA GLY A 8 2.79 0.64 -2.73
C GLY A 8 4.16 0.14 -2.24
N LEU A 9 4.14 -0.49 -1.07
CA LEU A 9 5.35 -1.01 -0.48
C LEU A 9 5.74 -2.31 -1.19
N MET A 10 4.77 -2.88 -1.89
CA MET A 10 5.00 -4.12 -2.61
C MET A 10 5.87 -3.87 -3.84
N ASN A 2 -8.09 1.56 2.09
CA ASN A 2 -7.36 2.18 3.18
C ASN A 2 -5.87 1.81 3.06
N PRO A 3 -5.62 0.47 3.06
CA PRO A 3 -4.27 -0.04 2.96
C PRO A 3 -3.73 0.10 1.53
N ASN A 4 -4.01 1.25 0.94
CA ASN A 4 -3.57 1.51 -0.42
C ASN A 4 -2.08 1.84 -0.42
N ARG A 5 -1.58 2.17 0.76
CA ARG A 5 -0.18 2.51 0.91
C ARG A 5 0.67 1.24 1.01
N PHE A 6 0.01 0.17 1.40
CA PHE A 6 0.68 -1.12 1.54
C PHE A 6 0.98 -1.73 0.17
N ILE A 7 0.19 -1.32 -0.81
CA ILE A 7 0.35 -1.81 -2.16
C ILE A 7 1.58 -1.17 -2.80
N GLY A 8 1.91 0.02 -2.31
CA GLY A 8 3.05 0.76 -2.81
C GLY A 8 4.36 0.15 -2.31
N LEU A 9 4.28 -0.49 -1.14
CA LEU A 9 5.44 -1.10 -0.55
C LEU A 9 5.72 -2.43 -1.25
N MET A 10 4.72 -2.91 -1.97
CA MET A 10 4.85 -4.16 -2.70
C MET A 10 5.63 -3.96 -3.99
N ASN A 2 -7.83 3.20 3.27
CA ASN A 2 -7.51 1.83 2.90
C ASN A 2 -5.98 1.67 2.86
N PRO A 3 -5.55 0.37 2.90
CA PRO A 3 -4.13 0.07 2.87
C PRO A 3 -3.56 0.25 1.46
N ASN A 4 -4.01 1.31 0.80
CA ASN A 4 -3.56 1.61 -0.54
C ASN A 4 -2.06 1.91 -0.52
N ARG A 5 -1.57 2.24 0.67
CA ARG A 5 -0.17 2.55 0.85
C ARG A 5 0.64 1.27 1.00
N PHE A 6 -0.05 0.21 1.40
CA PHE A 6 0.60 -1.07 1.59
C PHE A 6 0.91 -1.74 0.24
N ILE A 7 0.16 -1.32 -0.77
CA ILE A 7 0.34 -1.87 -2.10
C ILE A 7 1.62 -1.27 -2.72
N GLY A 8 1.97 -0.09 -2.25
CA GLY A 8 3.15 0.59 -2.75
C GLY A 8 4.42 -0.04 -2.18
N LEU A 9 4.28 -0.61 -0.99
CA LEU A 9 5.41 -1.24 -0.33
C LEU A 9 5.87 -2.45 -1.16
N MET A 10 4.91 -3.03 -1.88
CA MET A 10 5.21 -4.18 -2.71
C MET A 10 6.02 -3.77 -3.95
N ASN A 2 -7.72 1.53 3.46
CA ASN A 2 -6.79 2.29 4.29
C ASN A 2 -5.36 1.95 3.88
N PRO A 3 -5.07 0.62 3.83
CA PRO A 3 -3.75 0.15 3.45
C PRO A 3 -3.54 0.28 1.95
N ASN A 4 -3.95 1.42 1.41
CA ASN A 4 -3.81 1.69 -0.01
C ASN A 4 -2.34 1.90 -0.34
N ARG A 5 -1.57 2.23 0.70
CA ARG A 5 -0.15 2.48 0.53
C ARG A 5 0.62 1.16 0.64
N PHE A 6 0.00 0.19 1.29
CA PHE A 6 0.62 -1.11 1.46
C PHE A 6 0.98 -1.74 0.11
N ILE A 7 0.26 -1.30 -0.91
CA ILE A 7 0.49 -1.81 -2.25
C ILE A 7 1.76 -1.18 -2.82
N GLY A 8 2.10 -0.02 -2.30
CA GLY A 8 3.28 0.69 -2.75
C GLY A 8 4.55 0.06 -2.17
N LEU A 9 4.38 -0.57 -1.02
CA LEU A 9 5.49 -1.22 -0.35
C LEU A 9 5.81 -2.54 -1.07
N MET A 10 4.84 -2.98 -1.86
CA MET A 10 5.00 -4.23 -2.59
C MET A 10 5.89 -4.02 -3.83
#